data_2O81
#
_entry.id   2O81
#
_entity_poly.entity_id   1
_entity_poly.type   'polyribonucleotide'
_entity_poly.pdbx_seq_one_letter_code
;GC(IG)GA(IC)GCA
;
_entity_poly.pdbx_strand_id   A,B
#